data_3PGP
#
_entry.id   3PGP
#
_cell.length_a   57.673
_cell.length_b   76.286
_cell.length_c   39.311
_cell.angle_alpha   90.00
_cell.angle_beta   90.00
_cell.angle_gamma   90.00
#
_symmetry.space_group_name_H-M   'P 21 21 2'
#
loop_
_entity.id
_entity.type
_entity.pdbx_description
1 polymer 'uncharacterized protein PA4794'
2 non-polymer 1,2-ETHANEDIOL
3 non-polymer 'ACETYL COENZYME *A'
4 non-polymer 'CHLORIDE ION'
5 water water
#
_entity_poly.entity_id   1
_entity_poly.type   'polypeptide(L)'
_entity_poly.pdbx_seq_one_letter_code
;GHMQLSHRPAETGDLETVAGFPQDRDELFYCYPKAIWPFSVAQLAAAIAERRGSTVAVHDGQVLGFANFYQWQHGDFCAL
GNMMVAPAARGLGVARYLIGVMENLAREQYKARLMKISCFNANAAGLLLYTQLGYQPRAIAERHDPDGRRVALIQMDKPL
EP
;
_entity_poly.pdbx_strand_id   A
#
loop_
_chem_comp.id
_chem_comp.type
_chem_comp.name
_chem_comp.formula
ACO non-polymer 'ACETYL COENZYME *A' 'C23 H38 N7 O17 P3 S'
CL non-polymer 'CHLORIDE ION' 'Cl -1'
EDO non-polymer 1,2-ETHANEDIOL 'C2 H6 O2'
#
# COMPACT_ATOMS: atom_id res chain seq x y z
N MET A 3 -11.02 -16.35 5.01
N MET A 3 -11.21 -16.08 4.99
CA MET A 3 -9.60 -15.94 5.09
CA MET A 3 -9.73 -16.09 5.11
C MET A 3 -9.22 -15.52 6.50
C MET A 3 -9.24 -15.57 6.47
N GLN A 4 -8.78 -16.48 7.31
CA GLN A 4 -8.06 -16.16 8.56
C GLN A 4 -6.66 -15.69 8.17
N LEU A 5 -6.28 -14.54 8.73
CA LEU A 5 -5.09 -13.81 8.38
C LEU A 5 -4.40 -13.39 9.67
N SER A 6 -3.06 -13.40 9.61
CA SER A 6 -2.20 -12.83 10.63
C SER A 6 -1.27 -11.79 10.01
N HIS A 7 -0.51 -11.09 10.83
CA HIS A 7 0.39 -10.08 10.42
C HIS A 7 1.64 -10.07 11.26
N ARG A 8 2.73 -9.60 10.68
CA ARG A 8 4.00 -9.37 11.35
C ARG A 8 4.83 -8.44 10.53
N PRO A 9 5.86 -7.82 11.14
CA PRO A 9 6.79 -7.04 10.32
C PRO A 9 7.44 -7.85 9.21
N ALA A 10 7.67 -7.19 8.10
CA ALA A 10 8.36 -7.84 7.00
C ALA A 10 9.79 -8.25 7.35
N GLU A 11 10.22 -9.38 6.85
CA GLU A 11 11.50 -9.95 7.05
C GLU A 11 12.17 -10.18 5.72
N THR A 12 13.49 -10.37 5.77
CA THR A 12 14.30 -10.53 4.58
C THR A 12 13.79 -11.61 3.68
N GLY A 13 13.39 -12.73 4.27
CA GLY A 13 13.00 -13.84 3.43
C GLY A 13 11.71 -13.66 2.75
N ASP A 14 10.91 -12.68 3.23
CA ASP A 14 9.67 -12.33 2.59
C ASP A 14 9.86 -11.54 1.28
N LEU A 15 11.00 -10.89 1.07
N LEU A 15 11.01 -10.88 1.11
CA LEU A 15 11.05 -9.93 -0.02
CA LEU A 15 11.27 -9.93 -0.01
C LEU A 15 11.00 -10.52 -1.40
C LEU A 15 11.02 -10.52 -1.38
N GLU A 16 11.54 -11.73 -1.61
CA GLU A 16 11.40 -12.32 -2.91
C GLU A 16 9.94 -12.50 -3.25
N THR A 17 9.13 -12.99 -2.31
CA THR A 17 7.73 -13.27 -2.57
C THR A 17 7.00 -11.91 -2.86
N VAL A 18 7.25 -10.93 -2.01
CA VAL A 18 6.50 -9.66 -2.13
C VAL A 18 6.89 -9.00 -3.44
N ALA A 19 8.16 -9.07 -3.81
CA ALA A 19 8.58 -8.44 -5.08
C ALA A 19 7.98 -9.16 -6.27
N GLY A 20 7.43 -10.32 -6.14
CA GLY A 20 6.61 -10.98 -7.19
C GLY A 20 5.17 -10.56 -7.29
N PHE A 21 4.68 -9.72 -6.38
CA PHE A 21 3.26 -9.39 -6.34
C PHE A 21 2.84 -8.53 -7.58
N PRO A 22 3.62 -7.49 -7.94
CA PRO A 22 3.14 -6.70 -9.11
C PRO A 22 3.32 -7.49 -10.39
N GLN A 23 2.21 -7.63 -11.13
CA GLN A 23 2.26 -8.50 -12.31
C GLN A 23 2.68 -7.92 -13.60
N ASP A 24 2.69 -6.62 -13.66
CA ASP A 24 3.05 -5.92 -14.84
C ASP A 24 3.43 -4.46 -14.48
N ARG A 25 3.88 -3.69 -15.45
CA ARG A 25 4.39 -2.37 -15.27
C ARG A 25 3.30 -1.49 -14.68
N ASP A 26 2.03 -1.73 -15.01
CA ASP A 26 0.94 -0.90 -14.49
C ASP A 26 0.79 -1.11 -13.01
N GLU A 27 0.73 -2.37 -12.55
CA GLU A 27 0.58 -2.64 -11.17
C GLU A 27 1.74 -2.09 -10.40
N LEU A 28 2.96 -2.21 -10.89
CA LEU A 28 4.13 -1.65 -10.17
C LEU A 28 4.02 -0.12 -10.05
N PHE A 29 3.60 0.54 -11.12
CA PHE A 29 3.41 1.99 -11.14
C PHE A 29 2.40 2.36 -10.07
N TYR A 30 1.31 1.59 -9.96
CA TYR A 30 0.22 1.94 -9.02
C TYR A 30 0.63 1.88 -7.60
N CYS A 31 1.49 0.92 -7.24
CA CYS A 31 1.83 0.72 -5.83
C CYS A 31 3.19 1.24 -5.46
N TYR A 32 3.98 1.66 -6.44
CA TYR A 32 5.34 2.12 -6.21
C TYR A 32 5.80 2.92 -7.42
N PRO A 33 5.32 4.13 -7.63
CA PRO A 33 5.59 4.81 -8.90
C PRO A 33 7.01 5.25 -9.16
N LYS A 34 7.82 5.32 -8.13
CA LYS A 34 9.24 5.59 -8.36
C LYS A 34 10.04 4.37 -8.74
N ALA A 35 9.50 3.18 -8.59
CA ALA A 35 10.23 1.98 -9.06
C ALA A 35 10.26 1.89 -10.57
N ILE A 36 11.21 1.10 -11.06
N ILE A 36 11.19 1.06 -11.05
CA ILE A 36 11.35 0.87 -12.50
CA ILE A 36 11.34 0.84 -12.46
C ILE A 36 11.17 -0.63 -12.76
C ILE A 36 11.16 -0.65 -12.75
N TRP A 37 10.40 -1.00 -13.78
CA TRP A 37 10.20 -2.37 -14.16
C TRP A 37 11.44 -2.93 -14.82
N PRO A 38 11.81 -4.18 -14.50
CA PRO A 38 11.16 -5.11 -13.55
C PRO A 38 11.42 -4.82 -12.08
N PHE A 39 10.46 -5.16 -11.25
CA PHE A 39 10.62 -4.97 -9.82
C PHE A 39 11.68 -5.98 -9.35
N SER A 40 12.36 -5.59 -8.32
CA SER A 40 13.43 -6.40 -7.73
C SER A 40 13.44 -6.25 -6.23
N VAL A 41 14.07 -7.20 -5.57
CA VAL A 41 14.23 -7.20 -4.18
C VAL A 41 15.05 -5.98 -3.76
N ALA A 42 16.04 -5.53 -4.53
CA ALA A 42 16.82 -4.35 -4.20
C ALA A 42 15.92 -3.12 -4.16
N GLN A 43 15.00 -2.98 -5.12
CA GLN A 43 14.08 -1.85 -5.11
C GLN A 43 13.12 -1.94 -3.93
N LEU A 44 12.66 -3.11 -3.57
CA LEU A 44 11.79 -3.26 -2.43
C LEU A 44 12.51 -2.97 -1.11
N ALA A 45 13.70 -3.55 -0.96
CA ALA A 45 14.51 -3.29 0.20
C ALA A 45 14.83 -1.81 0.36
N ALA A 46 15.05 -1.06 -0.71
CA ALA A 46 15.35 0.33 -0.59
C ALA A 46 14.14 1.10 -0.10
N ALA A 47 12.97 0.74 -0.57
CA ALA A 47 11.75 1.39 -0.11
C ALA A 47 11.58 1.11 1.38
N ILE A 48 11.72 -0.12 1.82
CA ILE A 48 11.59 -0.47 3.23
C ILE A 48 12.51 0.39 4.07
N ALA A 49 13.76 0.54 3.64
CA ALA A 49 14.73 1.29 4.41
C ALA A 49 14.39 2.75 4.55
N GLU A 50 13.61 3.31 3.63
CA GLU A 50 13.25 4.72 3.66
C GLU A 50 11.90 4.96 4.28
N ARG A 51 11.20 3.88 4.64
CA ARG A 51 9.83 3.93 5.09
C ARG A 51 9.66 3.37 6.52
N ARG A 52 8.42 3.27 7.01
CA ARG A 52 8.15 2.74 8.31
C ARG A 52 7.03 1.77 8.22
N GLY A 53 6.97 0.84 9.16
CA GLY A 53 5.77 0.00 9.31
C GLY A 53 5.57 -1.04 8.23
N SER A 54 6.65 -1.53 7.61
CA SER A 54 6.52 -2.50 6.57
C SER A 54 6.03 -3.81 7.17
N THR A 55 4.87 -4.26 6.72
CA THR A 55 4.10 -5.34 7.35
C THR A 55 3.60 -6.31 6.30
N VAL A 56 3.66 -7.60 6.61
CA VAL A 56 3.09 -8.61 5.79
C VAL A 56 1.82 -9.21 6.42
N ALA A 57 0.90 -9.64 5.57
CA ALA A 57 -0.25 -10.43 5.90
C ALA A 57 -0.04 -11.87 5.49
N VAL A 58 -0.31 -12.80 6.37
CA VAL A 58 -0.04 -14.20 6.18
C VAL A 58 -1.32 -15.02 6.35
N HIS A 59 -1.48 -16.00 5.47
CA HIS A 59 -2.58 -16.99 5.56
C HIS A 59 -2.08 -18.34 5.16
N ASP A 60 -2.33 -19.34 6.01
CA ASP A 60 -1.93 -20.73 5.71
C ASP A 60 -0.49 -20.84 5.27
N GLY A 61 0.36 -20.17 6.03
CA GLY A 61 1.79 -20.18 5.81
C GLY A 61 2.30 -19.43 4.60
N GLN A 62 1.46 -18.64 3.95
N GLN A 62 1.46 -18.64 3.95
CA GLN A 62 1.83 -17.86 2.76
CA GLN A 62 1.87 -17.88 2.78
C GLN A 62 1.78 -16.38 3.06
C GLN A 62 1.76 -16.38 3.03
N VAL A 63 2.81 -15.66 2.68
CA VAL A 63 2.80 -14.22 2.66
C VAL A 63 1.97 -13.74 1.45
N LEU A 64 0.82 -13.10 1.74
CA LEU A 64 -0.14 -12.71 0.70
C LEU A 64 -0.28 -11.21 0.48
N GLY A 65 0.18 -10.39 1.41
CA GLY A 65 0.02 -8.92 1.30
C GLY A 65 1.15 -8.19 1.99
N PHE A 66 1.36 -6.99 1.55
CA PHE A 66 2.42 -6.09 2.04
C PHE A 66 1.91 -4.69 1.99
N ALA A 67 2.30 -3.87 2.98
CA ALA A 67 2.07 -2.42 2.96
C ALA A 67 3.09 -1.75 3.89
N ASN A 68 3.21 -0.43 3.75
CA ASN A 68 4.00 0.36 4.65
C ASN A 68 3.51 1.83 4.64
N PHE A 69 4.22 2.65 5.42
CA PHE A 69 3.99 4.09 5.43
C PHE A 69 5.15 4.79 4.76
N TYR A 70 4.84 5.72 3.87
CA TYR A 70 5.91 6.59 3.34
C TYR A 70 5.92 7.97 3.90
N GLN A 71 4.87 8.33 4.69
CA GLN A 71 4.95 9.53 5.53
C GLN A 71 4.36 9.16 6.84
N TRP A 72 4.91 9.76 7.86
CA TRP A 72 4.48 9.53 9.24
C TRP A 72 4.78 10.83 9.94
N GLN A 73 3.79 11.31 10.68
CA GLN A 73 3.93 12.53 11.42
C GLN A 73 3.15 12.30 12.70
N HIS A 74 3.87 12.18 13.81
CA HIS A 74 3.30 11.85 15.10
C HIS A 74 2.21 12.87 15.48
N GLY A 75 1.08 12.34 15.94
CA GLY A 75 -0.10 13.12 16.36
C GLY A 75 -0.90 13.68 15.21
N ASP A 76 -0.52 13.31 13.98
CA ASP A 76 -1.06 14.00 12.83
C ASP A 76 -1.62 13.02 11.80
N PHE A 77 -0.75 12.41 11.01
CA PHE A 77 -1.24 11.51 9.95
C PHE A 77 -0.16 10.54 9.58
N CYS A 78 -0.55 9.47 8.91
CA CYS A 78 0.36 8.64 8.15
C CYS A 78 -0.19 8.52 6.76
N ALA A 79 0.74 8.24 5.83
CA ALA A 79 0.39 8.01 4.40
C ALA A 79 0.83 6.59 4.05
N LEU A 80 -0.17 5.79 3.64
CA LEU A 80 0.00 4.35 3.34
C LEU A 80 0.37 4.15 1.91
N GLY A 81 1.45 3.40 1.65
CA GLY A 81 1.83 3.04 0.29
C GLY A 81 2.38 1.64 0.19
N ASN A 82 2.81 1.31 -1.03
CA ASN A 82 3.29 0.00 -1.40
C ASN A 82 2.27 -1.13 -1.12
N MET A 83 1.00 -0.87 -1.25
CA MET A 83 -0.03 -1.82 -0.91
C MET A 83 -0.10 -2.82 -2.08
N MET A 84 0.20 -4.08 -1.82
CA MET A 84 0.24 -5.08 -2.88
C MET A 84 -0.12 -6.44 -2.30
N VAL A 85 -0.83 -7.23 -3.09
CA VAL A 85 -1.36 -8.53 -2.69
C VAL A 85 -0.98 -9.56 -3.77
N ALA A 86 -0.68 -10.79 -3.37
CA ALA A 86 -0.36 -11.86 -4.28
C ALA A 86 -1.46 -12.05 -5.33
N PRO A 87 -1.10 -12.24 -6.62
CA PRO A 87 -2.15 -12.32 -7.60
C PRO A 87 -3.15 -13.46 -7.44
N ALA A 88 -2.67 -14.59 -6.94
CA ALA A 88 -3.53 -15.75 -6.73
C ALA A 88 -4.45 -15.58 -5.56
N ALA A 89 -4.25 -14.52 -4.75
CA ALA A 89 -5.04 -14.30 -3.54
C ALA A 89 -5.81 -13.02 -3.53
N ARG A 90 -6.07 -12.41 -4.70
CA ARG A 90 -6.85 -11.22 -4.76
C ARG A 90 -8.35 -11.44 -4.67
N GLY A 91 -9.01 -10.47 -4.11
CA GLY A 91 -10.43 -10.39 -3.94
C GLY A 91 -10.90 -11.25 -2.77
N LEU A 92 -9.99 -11.55 -1.84
CA LEU A 92 -10.30 -12.41 -0.69
C LEU A 92 -10.25 -11.64 0.63
N GLY A 93 -10.05 -10.32 0.58
CA GLY A 93 -9.99 -9.53 1.79
C GLY A 93 -8.62 -9.24 2.34
N VAL A 94 -7.56 -9.59 1.66
CA VAL A 94 -6.20 -9.37 2.16
C VAL A 94 -5.90 -7.92 2.33
N ALA A 95 -6.17 -7.09 1.32
CA ALA A 95 -5.94 -5.68 1.41
C ALA A 95 -6.84 -5.05 2.49
N ARG A 96 -8.13 -5.41 2.54
CA ARG A 96 -8.98 -4.89 3.61
C ARG A 96 -8.41 -5.16 4.98
N TYR A 97 -7.94 -6.39 5.19
CA TYR A 97 -7.39 -6.78 6.49
C TYR A 97 -6.13 -5.95 6.76
N LEU A 98 -5.21 -5.91 5.81
CA LEU A 98 -3.95 -5.19 5.98
C LEU A 98 -4.13 -3.67 6.18
N ILE A 99 -5.08 -3.07 5.52
CA ILE A 99 -5.35 -1.67 5.72
C ILE A 99 -5.82 -1.45 7.14
N GLY A 100 -6.69 -2.32 7.64
CA GLY A 100 -7.09 -2.20 9.04
C GLY A 100 -5.94 -2.33 10.03
N VAL A 101 -5.02 -3.24 9.80
CA VAL A 101 -3.84 -3.42 10.65
C VAL A 101 -3.01 -2.11 10.58
N MET A 102 -2.87 -1.51 9.40
CA MET A 102 -2.08 -0.30 9.26
C MET A 102 -2.79 0.90 9.90
N GLU A 103 -4.11 0.95 9.82
CA GLU A 103 -4.87 1.99 10.52
C GLU A 103 -4.61 1.88 12.04
N ASN A 104 -4.63 0.65 12.55
CA ASN A 104 -4.41 0.45 13.98
C ASN A 104 -2.96 0.92 14.30
N LEU A 105 -1.99 0.59 13.48
CA LEU A 105 -0.60 0.95 13.76
C LEU A 105 -0.45 2.48 13.72
N ALA A 106 -1.08 3.15 12.77
CA ALA A 106 -1.10 4.61 12.71
C ALA A 106 -1.62 5.27 13.98
N ARG A 107 -2.75 4.76 14.43
CA ARG A 107 -3.38 5.24 15.67
C ARG A 107 -2.49 4.94 16.85
N GLU A 108 -2.04 3.71 16.99
CA GLU A 108 -1.37 3.33 18.26
C GLU A 108 0.06 3.78 18.37
N GLN A 109 0.83 3.59 17.35
CA GLN A 109 2.23 3.91 17.37
C GLN A 109 2.49 5.37 16.99
N TYR A 110 1.70 5.94 16.07
CA TYR A 110 1.95 7.29 15.55
C TYR A 110 0.99 8.34 16.11
N LYS A 111 -0.04 7.92 16.84
CA LYS A 111 -1.08 8.80 17.34
C LYS A 111 -1.70 9.60 16.19
N ALA A 112 -1.82 8.96 15.04
CA ALA A 112 -2.38 9.63 13.90
C ALA A 112 -3.86 9.88 14.00
N ARG A 113 -4.33 11.02 13.54
CA ARG A 113 -5.73 11.35 13.43
C ARG A 113 -6.31 11.09 12.07
N LEU A 114 -5.47 10.84 11.09
CA LEU A 114 -5.87 10.77 9.72
C LEU A 114 -4.93 9.80 8.98
N MET A 115 -5.46 9.03 8.05
CA MET A 115 -4.68 8.26 7.10
C MET A 115 -4.84 8.88 5.73
N LYS A 116 -3.72 9.13 5.04
CA LYS A 116 -3.74 9.58 3.68
C LYS A 116 -3.34 8.45 2.74
N ILE A 117 -3.98 8.40 1.58
N ILE A 117 -3.94 8.45 1.56
CA ILE A 117 -3.48 7.54 0.51
CA ILE A 117 -3.52 7.53 0.51
C ILE A 117 -3.64 8.28 -0.81
C ILE A 117 -3.64 8.28 -0.81
N SER A 118 -2.88 7.88 -1.83
CA SER A 118 -3.02 8.46 -3.14
C SER A 118 -3.05 7.30 -4.14
N CYS A 119 -4.03 7.33 -5.03
N CYS A 119 -3.96 7.38 -5.07
CA CYS A 119 -4.17 6.33 -6.08
CA CYS A 119 -4.20 6.34 -6.03
C CYS A 119 -4.19 6.94 -7.44
C CYS A 119 -4.21 6.92 -7.44
N PHE A 120 -3.48 6.29 -8.37
CA PHE A 120 -3.53 6.72 -9.76
C PHE A 120 -4.86 6.40 -10.40
N ASN A 121 -5.23 7.28 -11.33
CA ASN A 121 -6.56 7.18 -11.90
C ASN A 121 -6.88 5.87 -12.55
N ALA A 122 -5.92 5.22 -13.18
CA ALA A 122 -6.19 3.96 -13.84
C ALA A 122 -6.38 2.82 -12.90
N ASN A 123 -6.07 3.00 -11.64
CA ASN A 123 -6.14 1.91 -10.67
C ASN A 123 -7.57 1.84 -10.06
N ALA A 124 -8.52 1.35 -10.86
CA ALA A 124 -9.88 1.22 -10.39
C ALA A 124 -10.01 0.38 -9.16
N ALA A 125 -9.31 -0.75 -9.07
CA ALA A 125 -9.42 -1.63 -7.93
C ALA A 125 -8.98 -0.88 -6.66
N GLY A 126 -7.91 -0.10 -6.77
CA GLY A 126 -7.44 0.67 -5.64
C GLY A 126 -8.43 1.77 -5.22
N LEU A 127 -8.92 2.52 -6.20
CA LEU A 127 -9.89 3.56 -5.88
C LEU A 127 -11.12 3.00 -5.21
N LEU A 128 -11.62 1.87 -5.69
CA LEU A 128 -12.82 1.25 -5.11
C LEU A 128 -12.47 0.67 -3.71
N LEU A 129 -11.26 0.14 -3.51
CA LEU A 129 -10.81 -0.43 -2.23
C LEU A 129 -10.94 0.67 -1.17
N TYR A 130 -10.29 1.80 -1.44
CA TYR A 130 -10.23 2.82 -0.41
C TYR A 130 -11.59 3.45 -0.22
N THR A 131 -12.38 3.59 -1.27
CA THR A 131 -13.76 4.07 -1.10
C THR A 131 -14.59 3.15 -0.22
N GLN A 132 -14.45 1.86 -0.44
CA GLN A 132 -15.14 0.90 0.41
C GLN A 132 -14.75 0.98 1.86
N LEU A 133 -13.49 1.33 2.12
CA LEU A 133 -13.01 1.43 3.48
C LEU A 133 -13.19 2.80 4.09
N GLY A 134 -13.98 3.68 3.42
CA GLY A 134 -14.35 4.92 4.08
C GLY A 134 -13.41 6.11 3.80
N TYR A 135 -12.48 6.00 2.86
CA TYR A 135 -11.67 7.11 2.42
C TYR A 135 -12.45 7.97 1.44
N GLN A 136 -12.21 9.27 1.50
CA GLN A 136 -12.86 10.19 0.62
C GLN A 136 -11.85 10.96 -0.19
N PRO A 137 -12.19 11.31 -1.44
CA PRO A 137 -11.23 12.08 -2.26
C PRO A 137 -11.12 13.52 -1.85
N ARG A 138 -9.92 14.06 -1.85
CA ARG A 138 -9.66 15.44 -1.43
C ARG A 138 -9.09 16.32 -2.54
N ALA A 139 -8.21 15.77 -3.38
CA ALA A 139 -7.55 16.53 -4.42
C ALA A 139 -7.07 15.61 -5.49
N ILE A 140 -6.80 16.20 -6.63
CA ILE A 140 -6.22 15.55 -7.77
C ILE A 140 -5.00 16.31 -8.23
N ALA A 141 -3.89 15.59 -8.43
CA ALA A 141 -2.64 16.18 -8.88
C ALA A 141 -2.20 15.53 -10.16
N GLU A 142 -1.64 16.32 -11.05
CA GLU A 142 -1.06 15.79 -12.30
C GLU A 142 0.24 15.06 -12.02
N ARG A 143 0.42 13.91 -12.62
CA ARG A 143 1.67 13.15 -12.55
C ARG A 143 1.96 12.60 -13.92
N HIS A 144 3.09 11.91 -14.07
CA HIS A 144 3.43 11.25 -15.31
C HIS A 144 3.77 9.80 -15.10
N ASP A 145 3.40 9.00 -16.06
CA ASP A 145 3.72 7.57 -16.04
C ASP A 145 5.04 7.32 -16.70
N PRO A 146 5.53 6.07 -16.73
CA PRO A 146 6.88 5.84 -17.17
C PRO A 146 7.09 6.12 -18.66
N ASP A 147 6.02 6.29 -19.42
CA ASP A 147 6.08 6.63 -20.86
C ASP A 147 5.95 8.13 -21.06
N GLY A 148 5.98 8.88 -19.96
CA GLY A 148 5.85 10.35 -19.97
C GLY A 148 4.44 10.81 -20.22
N ARG A 149 3.44 9.93 -20.16
CA ARG A 149 2.02 10.30 -20.35
C ARG A 149 1.42 10.89 -19.09
N ARG A 150 0.58 11.90 -19.20
CA ARG A 150 -0.03 12.55 -18.06
C ARG A 150 -1.13 11.70 -17.48
N VAL A 151 -1.07 11.59 -16.16
CA VAL A 151 -2.04 10.80 -15.38
C VAL A 151 -2.51 11.68 -14.24
N ALA A 152 -3.57 11.22 -13.57
CA ALA A 152 -4.16 11.96 -12.44
C ALA A 152 -3.96 11.14 -11.16
N LEU A 153 -3.39 11.76 -10.15
CA LEU A 153 -3.18 11.13 -8.85
C LEU A 153 -4.25 11.63 -7.89
N ILE A 154 -5.09 10.70 -7.44
N ILE A 154 -5.11 10.70 -7.46
CA ILE A 154 -6.25 11.09 -6.62
CA ILE A 154 -6.29 11.04 -6.62
C ILE A 154 -5.87 10.91 -5.16
C ILE A 154 -5.87 10.91 -5.16
N GLN A 155 -5.82 12.00 -4.39
CA GLN A 155 -5.43 12.01 -2.97
C GLN A 155 -6.67 11.89 -2.15
N MET A 156 -6.67 10.88 -1.28
CA MET A 156 -7.80 10.59 -0.41
C MET A 156 -7.36 10.51 1.02
N ASP A 157 -8.31 10.64 1.92
CA ASP A 157 -7.98 10.50 3.32
C ASP A 157 -9.19 9.97 4.10
N LYS A 158 -8.92 9.64 5.39
CA LYS A 158 -9.90 9.07 6.30
C LYS A 158 -9.55 9.45 7.75
N PRO A 159 -10.48 9.98 8.55
CA PRO A 159 -10.22 10.15 9.97
C PRO A 159 -10.08 8.82 10.67
N LEU A 160 -9.09 8.81 11.56
N LEU A 160 -9.18 8.71 11.62
CA LEU A 160 -8.84 7.76 12.52
CA LEU A 160 -8.91 7.40 12.24
C LEU A 160 -9.21 8.32 13.91
C LEU A 160 -9.77 7.17 13.52
N GLU A 161 -10.27 7.75 14.47
N GLU A 161 -10.46 8.20 14.00
CA GLU A 161 -10.80 8.10 15.79
CA GLU A 161 -11.35 8.03 15.14
C GLU A 161 -10.97 6.83 16.63
C GLU A 161 -12.27 6.84 14.91
C1 EDO B . 16.09 -13.54 -0.28
O1 EDO B . 15.62 -14.74 -0.89
C2 EDO B . 15.11 -12.39 -0.48
O2 EDO B . 13.79 -12.66 0.07
N1A ACO C . -12.38 -4.74 -8.88
C2A ACO C . -13.05 -3.84 -8.17
N3A ACO C . -12.88 -3.57 -6.84
C4A ACO C . -11.88 -4.30 -6.26
C5A ACO C . -11.14 -5.33 -6.95
C6A ACO C . -11.43 -5.51 -8.37
N6A ACO C . -10.74 -6.42 -9.05
N7A ACO C . -10.26 -5.89 -6.11
C8A ACO C . -10.50 -5.27 -4.90
N9A ACO C . -11.47 -4.35 -5.01
C1B ACO C . -11.95 -3.45 -3.97
C2B ACO C . -13.38 -3.65 -3.65
O2B ACO C . -13.93 -2.38 -3.14
C3B ACO C . -13.19 -4.60 -2.49
O3B ACO C . -14.29 -4.64 -1.52
P3B ACO C . -15.42 -5.78 -1.59
O7A ACO C . -16.31 -5.28 -2.68
O8A ACO C . -14.81 -7.14 -2.05
O9A ACO C . -16.04 -5.78 -0.21
C4B ACO C . -12.01 -4.05 -1.73
O4B ACO C . -11.16 -3.61 -2.81
C5B ACO C . -11.26 -4.98 -0.72
O5B ACO C . -10.88 -6.05 -1.49
P1A ACO C . -9.66 -7.00 -1.06
O1A ACO C . -10.05 -8.37 -1.50
O2A ACO C . -9.20 -6.75 0.27
O3A ACO C . -8.54 -6.48 -2.14
P2A ACO C . -7.26 -7.29 -2.54
O4A ACO C . -7.52 -8.05 -3.78
O5A ACO C . -6.70 -8.05 -1.38
O6A ACO C . -6.22 -6.10 -2.88
CBP ACO C . -5.29 -4.54 -4.41
CCP ACO C . -6.59 -4.98 -3.77
CDP ACO C . -4.27 -4.15 -3.35
CEP ACO C . -5.65 -3.24 -5.21
CAP ACO C . -4.69 -5.62 -5.38
OAP ACO C . -5.56 -5.77 -6.49
C9P ACO C . -3.30 -5.37 -5.85
O9P ACO C . -2.36 -5.65 -5.22
N8P ACO C . -3.21 -4.75 -7.04
C7P ACO C . -1.92 -4.42 -7.62
C6P ACO C . -1.18 -3.27 -6.95
C5P ACO C . -2.09 -2.11 -6.56
O5P ACO C . -2.85 -1.62 -7.41
N4P ACO C . -2.03 -1.69 -5.33
C3P ACO C . -2.80 -0.58 -4.86
C2P ACO C . -1.89 0.63 -4.96
S1P ACO C . -2.66 2.06 -4.17
C ACO C . -1.74 2.31 -2.73
O ACO C . -0.67 1.67 -2.50
CH3 ACO C . -2.17 3.43 -1.81
C1 EDO D . 0.65 4.42 -4.24
O1 EDO D . 0.96 4.82 -2.87
C2 EDO D . 1.04 5.52 -5.18
O2 EDO D . 0.46 6.78 -4.83
C1 EDO E . 1.80 2.53 -16.06
O1 EDO E . 2.61 1.46 -16.53
C2 EDO E . 1.20 3.25 -17.25
O2 EDO E . 0.37 4.28 -16.70
C1 EDO F . -4.98 9.64 18.35
O1 EDO F . -5.77 10.78 18.71
C2 EDO F . -5.51 9.04 17.04
O2 EDO F . -6.24 7.82 17.21
C1 EDO G . -0.77 -11.33 14.20
O1 EDO G . -1.99 -11.55 13.59
C2 EDO G . -0.89 -10.25 15.26
O2 EDO G . 0.42 -9.69 15.53
C1 EDO H . 8.97 11.99 7.68
O1 EDO H . 10.20 11.32 7.90
C2 EDO H . 8.09 11.16 6.76
O2 EDO H . 6.79 11.74 6.89
C1 EDO I . -7.55 2.42 -17.51
O1 EDO I . -7.50 1.77 -16.22
C2 EDO I . -6.38 3.36 -17.84
O2 EDO I . -6.71 4.68 -18.31
CL CL J . 3.88 4.10 -2.58
#